data_1BPL
#
_entry.id   1BPL
#
_cell.length_a   119.800
_cell.length_b   119.800
_cell.length_c   85.400
_cell.angle_alpha   90.00
_cell.angle_beta   90.00
_cell.angle_gamma   90.00
#
_symmetry.space_group_name_H-M   'P 43 21 2'
#
loop_
_entity.id
_entity.type
_entity.pdbx_description
1 polymer ALPHA-1,4-GLUCAN-4-GLUCANOHYDROLASE
2 polymer ALPHA-1,4-GLUCAN-4-GLUCANOHYDROLASE
3 water water
#
loop_
_entity_poly.entity_id
_entity_poly.type
_entity_poly.pdbx_seq_one_letter_code
_entity_poly.pdbx_strand_id
1 'polypeptide(L)'
;ANLNGTLMQYFEWYMPNDGQHWKRLQNDSAYLAEHGITAVWIPPAYKGTSQADVGYGAYDLYDLGEFHQKGTVRTKYGTK
GELQSAIKSLHSRDINVYGDVVINHKGGADATEDVTAVEVDPADRNRVISGEHLIKAWTHFHFPGRGSTYSDFKWHWYHF
DGTDWDESRKLNRIYKFQGKAWDWEVSNE
;
A
2 'polypeptide(L)'
;NGNYDYLMYADIDYDHPDVAAEIKRWGTWYANELQLDGFRLDAVKHIKFSFLRDWVNHVREKTGKEMFTVAEYWQNDLGA
LENYLNKTNFNHSVFDVPLHYQFHAASTQGGGYDMRKLLNSTVVSKHPLKAVTFVDNHDTQPGQSLESTVQTWFKPLAYA
FILTRESGYPQVFYGDMYGTKGDSQREIPALKHKIEPILKARKQYAYGAQHDYFDHHDIVGWTREGDSSVANSGLAALIT
DGPGGAKRMYVGRQNAGETWHDITGNRSEPVVINSEGWGEFHVNGGSVSIYVQR
;
B
#
# COMPACT_ATOMS: atom_id res chain seq x y z
N LEU A 3 -1.55 -12.16 -18.43
CA LEU A 3 -0.86 -10.83 -18.42
C LEU A 3 -0.32 -10.55 -17.01
N ASN A 4 0.54 -9.54 -16.93
CA ASN A 4 1.12 -9.14 -15.66
C ASN A 4 0.06 -8.49 -14.78
N GLY A 5 0.13 -8.78 -13.50
CA GLY A 5 -0.83 -8.18 -12.59
C GLY A 5 -0.23 -6.87 -12.12
N THR A 6 -1.08 -5.85 -12.01
CA THR A 6 -0.64 -4.55 -11.55
C THR A 6 -1.70 -3.98 -10.61
N LEU A 7 -1.23 -3.51 -9.46
CA LEU A 7 -2.07 -2.96 -8.41
C LEU A 7 -1.94 -1.45 -8.35
N MET A 8 -3.00 -0.79 -7.90
CA MET A 8 -2.95 0.66 -7.76
C MET A 8 -3.61 1.10 -6.46
N GLN A 9 -2.92 1.94 -5.70
CA GLN A 9 -3.47 2.48 -4.47
C GLN A 9 -4.31 3.63 -5.00
N TYR A 10 -5.63 3.48 -4.88
CA TYR A 10 -6.55 4.47 -5.40
C TYR A 10 -7.00 5.56 -4.44
N PHE A 11 -6.05 6.24 -3.83
CA PHE A 11 -6.34 7.34 -2.94
C PHE A 11 -5.06 8.03 -2.56
N GLU A 12 -5.19 9.27 -2.11
CA GLU A 12 -4.08 10.09 -1.75
C GLU A 12 -4.55 10.76 -0.45
N TRP A 13 -3.63 11.12 0.43
CA TRP A 13 -4.00 11.75 1.70
C TRP A 13 -4.88 13.01 1.61
N TYR A 14 -4.46 13.97 0.80
CA TYR A 14 -5.15 15.25 0.66
C TYR A 14 -6.28 15.41 -0.38
N MET A 15 -6.96 14.34 -0.74
CA MET A 15 -8.04 14.45 -1.71
C MET A 15 -9.21 15.20 -1.09
N PRO A 16 -10.03 15.88 -1.91
CA PRO A 16 -11.17 16.62 -1.34
C PRO A 16 -12.26 15.79 -0.69
N ASN A 17 -12.76 16.32 0.43
CA ASN A 17 -13.84 15.67 1.16
C ASN A 17 -15.14 16.18 0.55
N ASP A 18 -15.47 15.63 -0.61
CA ASP A 18 -16.69 16.01 -1.28
C ASP A 18 -17.62 14.82 -1.54
N GLY A 19 -17.31 13.67 -0.92
CA GLY A 19 -18.13 12.48 -1.08
C GLY A 19 -18.31 11.94 -2.48
N GLN A 20 -17.39 12.32 -3.38
CA GLN A 20 -17.42 11.90 -4.78
C GLN A 20 -16.31 10.90 -5.17
N HIS A 21 -15.51 10.45 -4.21
CA HIS A 21 -14.43 9.52 -4.54
C HIS A 21 -14.90 8.21 -5.16
N TRP A 22 -15.97 7.63 -4.62
CA TRP A 22 -16.46 6.34 -5.15
C TRP A 22 -16.92 6.48 -6.60
N LYS A 23 -17.59 7.59 -6.90
CA LYS A 23 -18.06 7.89 -8.25
C LYS A 23 -16.85 8.08 -9.16
N ARG A 24 -15.82 8.75 -8.68
CA ARG A 24 -14.61 8.96 -9.44
C ARG A 24 -14.02 7.61 -9.84
N LEU A 25 -13.89 6.71 -8.86
CA LEU A 25 -13.37 5.38 -9.10
C LEU A 25 -14.25 4.63 -10.12
N GLN A 26 -15.58 4.68 -9.96
CA GLN A 26 -16.47 4.02 -10.88
C GLN A 26 -16.26 4.55 -12.30
N ASN A 27 -16.06 5.85 -12.41
CA ASN A 27 -15.84 6.48 -13.70
C ASN A 27 -14.48 6.15 -14.27
N ASP A 28 -13.53 5.84 -13.41
CA ASP A 28 -12.18 5.54 -13.81
C ASP A 28 -11.90 4.10 -14.20
N SER A 29 -12.91 3.23 -14.16
CA SER A 29 -12.71 1.83 -14.50
C SER A 29 -12.18 1.52 -15.91
N ALA A 30 -12.68 2.19 -16.94
CA ALA A 30 -12.22 1.95 -18.30
C ALA A 30 -10.73 2.29 -18.47
N TYR A 31 -10.35 3.47 -17.98
CA TYR A 31 -8.97 3.92 -18.05
C TYR A 31 -8.03 2.93 -17.36
N LEU A 32 -8.39 2.55 -16.13
CA LEU A 32 -7.61 1.59 -15.33
C LEU A 32 -7.42 0.28 -16.08
N ALA A 33 -8.50 -0.24 -16.66
CA ALA A 33 -8.48 -1.48 -17.43
C ALA A 33 -7.57 -1.38 -18.69
N GLU A 34 -7.67 -0.30 -19.44
CA GLU A 34 -6.84 -0.18 -20.64
C GLU A 34 -5.35 0.00 -20.32
N HIS A 35 -5.05 0.47 -19.12
CA HIS A 35 -3.66 0.65 -18.73
C HIS A 35 -3.07 -0.50 -17.92
N GLY A 36 -3.78 -1.63 -17.88
CA GLY A 36 -3.29 -2.81 -17.18
C GLY A 36 -3.48 -2.93 -15.67
N ILE A 37 -4.24 -2.06 -15.03
CA ILE A 37 -4.44 -2.22 -13.60
C ILE A 37 -5.41 -3.38 -13.45
N THR A 38 -5.02 -4.38 -12.67
CA THR A 38 -5.82 -5.57 -12.46
C THR A 38 -6.43 -5.65 -11.06
N ALA A 39 -5.97 -4.76 -10.19
CA ALA A 39 -6.43 -4.66 -8.80
C ALA A 39 -6.26 -3.25 -8.26
N VAL A 40 -7.20 -2.82 -7.43
CA VAL A 40 -7.11 -1.52 -6.78
C VAL A 40 -7.33 -1.69 -5.27
N TRP A 41 -6.50 -1.01 -4.49
CA TRP A 41 -6.60 -1.01 -3.04
C TRP A 41 -7.35 0.30 -2.75
N ILE A 42 -8.53 0.21 -2.14
CA ILE A 42 -9.33 1.40 -1.81
C ILE A 42 -9.08 1.84 -0.36
N PRO A 43 -9.31 3.12 -0.05
CA PRO A 43 -9.07 3.61 1.32
C PRO A 43 -10.11 3.06 2.30
N PRO A 44 -9.87 3.17 3.61
CA PRO A 44 -10.86 2.63 4.56
C PRO A 44 -12.27 3.15 4.24
N ALA A 45 -13.17 2.20 3.97
CA ALA A 45 -14.54 2.52 3.60
C ALA A 45 -15.52 2.71 4.74
N TYR A 46 -15.13 2.33 5.95
CA TYR A 46 -16.00 2.48 7.13
C TYR A 46 -15.85 3.82 7.83
N LYS A 47 -16.88 4.20 8.58
CA LYS A 47 -16.96 5.45 9.31
C LYS A 47 -15.78 5.76 10.24
N GLY A 48 -15.18 6.93 10.04
CA GLY A 48 -14.06 7.40 10.86
C GLY A 48 -14.55 8.28 12.00
N THR A 49 -13.67 9.07 12.59
CA THR A 49 -14.07 9.93 13.70
C THR A 49 -14.78 11.21 13.26
N SER A 50 -14.83 11.42 11.95
CA SER A 50 -15.50 12.57 11.36
C SER A 50 -15.60 12.24 9.88
N GLN A 51 -16.39 13.03 9.17
CA GLN A 51 -16.57 12.82 7.74
C GLN A 51 -15.26 12.98 6.96
N ALA A 52 -14.40 13.89 7.42
CA ALA A 52 -13.12 14.18 6.77
C ALA A 52 -11.99 13.19 7.04
N ASP A 53 -12.19 12.30 8.01
CA ASP A 53 -11.21 11.30 8.38
C ASP A 53 -10.77 10.55 7.11
N VAL A 54 -9.45 10.40 6.91
CA VAL A 54 -8.96 9.66 5.75
C VAL A 54 -9.40 8.20 5.85
N GLY A 55 -9.69 7.76 7.08
CA GLY A 55 -10.15 6.40 7.27
C GLY A 55 -9.40 5.64 8.33
N TYR A 56 -8.33 6.22 8.84
CA TYR A 56 -7.55 5.55 9.84
C TYR A 56 -7.98 5.86 11.26
N GLY A 57 -9.01 6.69 11.40
CA GLY A 57 -9.53 7.01 12.72
C GLY A 57 -10.25 5.76 13.22
N ALA A 58 -10.92 5.08 12.30
CA ALA A 58 -11.66 3.84 12.54
C ALA A 58 -12.55 3.83 13.76
N TYR A 59 -13.77 4.30 13.57
CA TYR A 59 -14.78 4.34 14.62
C TYR A 59 -15.72 3.16 14.49
N ASP A 60 -16.36 3.01 13.34
CA ASP A 60 -17.30 1.93 13.14
C ASP A 60 -17.08 1.15 11.86
N LEU A 61 -16.60 -0.07 12.04
CA LEU A 61 -16.31 -0.98 10.95
C LEU A 61 -17.52 -1.50 10.16
N TYR A 62 -18.70 -1.46 10.77
CA TYR A 62 -19.91 -1.92 10.10
C TYR A 62 -20.70 -0.77 9.48
N ASP A 63 -20.14 0.43 9.56
CA ASP A 63 -20.80 1.59 9.01
C ASP A 63 -19.96 2.02 7.82
N LEU A 64 -20.29 1.51 6.64
CA LEU A 64 -19.58 1.83 5.40
C LEU A 64 -20.19 3.07 4.71
N GLY A 65 -20.50 4.10 5.51
CA GLY A 65 -21.16 5.30 5.00
C GLY A 65 -22.63 4.98 4.83
N GLU A 66 -23.24 4.41 5.87
CA GLU A 66 -24.63 3.97 5.80
C GLU A 66 -25.56 4.54 6.88
N PHE A 67 -25.03 4.71 8.07
CA PHE A 67 -25.83 5.21 9.17
C PHE A 67 -25.33 6.60 9.54
N HIS A 68 -26.17 7.40 10.20
CA HIS A 68 -25.77 8.73 10.60
C HIS A 68 -24.99 8.66 11.89
N GLN A 69 -23.69 8.75 11.75
CA GLN A 69 -22.81 8.70 12.91
C GLN A 69 -21.69 9.68 12.60
N LYS A 70 -21.10 10.24 13.64
CA LYS A 70 -20.04 11.22 13.49
C LYS A 70 -20.50 12.42 12.65
N GLY A 71 -21.80 12.69 12.73
CA GLY A 71 -22.38 13.83 12.04
C GLY A 71 -22.51 13.75 10.54
N THR A 72 -22.52 12.53 10.01
CA THR A 72 -22.62 12.36 8.57
C THR A 72 -23.07 10.93 8.26
N VAL A 73 -23.72 10.74 7.12
CA VAL A 73 -24.10 9.40 6.74
C VAL A 73 -22.94 8.81 5.96
N ARG A 74 -22.54 9.52 4.90
CA ARG A 74 -21.45 9.07 4.05
C ARG A 74 -20.10 9.29 4.73
N THR A 75 -19.09 8.57 4.26
CA THR A 75 -17.73 8.72 4.77
C THR A 75 -17.18 9.87 3.91
N LYS A 76 -15.87 10.12 3.99
CA LYS A 76 -15.22 11.16 3.16
C LYS A 76 -15.39 10.86 1.66
N TYR A 77 -15.33 9.57 1.33
CA TYR A 77 -15.37 9.07 -0.03
C TYR A 77 -16.74 8.90 -0.68
N GLY A 78 -17.78 8.68 0.14
CA GLY A 78 -19.12 8.50 -0.38
C GLY A 78 -19.95 7.58 0.48
N THR A 79 -21.06 7.09 -0.08
CA THR A 79 -21.95 6.21 0.65
C THR A 79 -21.69 4.76 0.28
N LYS A 80 -22.30 3.83 1.04
CA LYS A 80 -22.12 2.41 0.75
C LYS A 80 -22.61 2.05 -0.65
N GLY A 81 -23.70 2.67 -1.08
CA GLY A 81 -24.24 2.38 -2.40
C GLY A 81 -23.27 2.75 -3.51
N GLU A 82 -22.65 3.92 -3.42
CA GLU A 82 -21.69 4.40 -4.41
C GLU A 82 -20.50 3.46 -4.44
N LEU A 83 -20.09 3.04 -3.25
CA LEU A 83 -18.97 2.12 -3.15
C LEU A 83 -19.33 0.83 -3.88
N GLN A 84 -20.54 0.33 -3.64
CA GLN A 84 -20.99 -0.88 -4.28
C GLN A 84 -21.07 -0.75 -5.79
N SER A 85 -21.56 0.38 -6.30
CA SER A 85 -21.63 0.63 -7.74
C SER A 85 -20.24 0.69 -8.36
N ALA A 86 -19.31 1.31 -7.64
CA ALA A 86 -17.93 1.43 -8.09
C ALA A 86 -17.30 0.04 -8.22
N ILE A 87 -17.45 -0.79 -7.19
CA ILE A 87 -16.89 -2.15 -7.18
C ILE A 87 -17.47 -3.02 -8.29
N LYS A 88 -18.75 -2.83 -8.59
CA LYS A 88 -19.40 -3.58 -9.66
C LYS A 88 -18.78 -3.20 -11.02
N SER A 89 -18.51 -1.92 -11.25
CA SER A 89 -17.86 -1.48 -12.49
C SER A 89 -16.50 -2.16 -12.59
N LEU A 90 -15.74 -2.11 -11.51
CA LEU A 90 -14.43 -2.72 -11.50
C LEU A 90 -14.53 -4.20 -11.83
N HIS A 91 -15.47 -4.89 -11.19
CA HIS A 91 -15.62 -6.31 -11.44
C HIS A 91 -16.00 -6.62 -12.88
N SER A 92 -16.84 -5.79 -13.50
CA SER A 92 -17.25 -6.02 -14.87
C SER A 92 -16.06 -5.94 -15.81
N ARG A 93 -15.01 -5.28 -15.37
CA ARG A 93 -13.80 -5.15 -16.18
C ARG A 93 -12.68 -6.05 -15.70
N ASP A 94 -13.00 -6.98 -14.79
CA ASP A 94 -12.03 -7.92 -14.26
C ASP A 94 -10.95 -7.34 -13.35
N ILE A 95 -11.25 -6.19 -12.75
CA ILE A 95 -10.32 -5.58 -11.84
C ILE A 95 -10.71 -6.02 -10.43
N ASN A 96 -9.73 -6.42 -9.62
CA ASN A 96 -10.02 -6.83 -8.26
C ASN A 96 -10.01 -5.63 -7.30
N VAL A 97 -10.73 -5.77 -6.19
CA VAL A 97 -10.80 -4.72 -5.18
C VAL A 97 -10.30 -5.28 -3.84
N TYR A 98 -9.34 -4.57 -3.25
CA TYR A 98 -8.72 -4.92 -1.98
C TYR A 98 -9.12 -3.90 -0.94
N GLY A 99 -9.87 -4.34 0.07
CA GLY A 99 -10.31 -3.44 1.11
C GLY A 99 -9.23 -3.21 2.15
N ASP A 100 -9.21 -2.01 2.74
CA ASP A 100 -8.23 -1.70 3.77
C ASP A 100 -8.82 -2.20 5.10
N VAL A 101 -7.96 -2.75 5.95
CA VAL A 101 -8.37 -3.29 7.24
C VAL A 101 -7.68 -2.54 8.37
N VAL A 102 -8.41 -1.68 9.07
CA VAL A 102 -7.83 -0.92 10.20
C VAL A 102 -8.29 -1.53 11.53
N ILE A 103 -7.45 -2.39 12.10
CA ILE A 103 -7.82 -3.08 13.32
C ILE A 103 -6.84 -3.01 14.50
N ASN A 104 -5.92 -2.05 14.47
CA ASN A 104 -4.96 -1.91 15.56
C ASN A 104 -5.59 -1.15 16.73
N HIS A 105 -6.57 -0.31 16.43
CA HIS A 105 -7.22 0.51 17.44
C HIS A 105 -8.61 0.89 16.98
N LYS A 106 -9.29 1.68 17.79
CA LYS A 106 -10.62 2.24 17.49
C LYS A 106 -10.47 3.70 17.92
N GLY A 107 -11.10 4.61 17.19
CA GLY A 107 -11.05 6.01 17.53
C GLY A 107 -12.45 6.63 17.55
N GLY A 108 -12.64 7.66 18.36
CA GLY A 108 -13.94 8.30 18.42
C GLY A 108 -14.93 7.60 19.34
N ALA A 109 -14.48 7.14 20.50
CA ALA A 109 -15.37 6.47 21.44
C ALA A 109 -16.52 7.39 21.78
N ASP A 110 -17.68 6.80 21.91
CA ASP A 110 -18.90 7.53 22.24
C ASP A 110 -18.84 8.16 23.62
N ALA A 111 -18.10 7.53 24.53
CA ALA A 111 -18.03 8.03 25.90
C ALA A 111 -16.80 7.50 26.62
N THR A 112 -16.50 8.10 27.77
CA THR A 112 -15.37 7.66 28.57
C THR A 112 -15.86 6.63 29.57
N GLU A 113 -14.91 5.93 30.17
CA GLU A 113 -15.20 4.94 31.20
C GLU A 113 -14.11 5.06 32.23
N ASP A 114 -14.49 4.93 33.48
CA ASP A 114 -13.53 4.98 34.59
C ASP A 114 -12.78 3.67 34.55
N VAL A 115 -11.49 3.74 34.33
CA VAL A 115 -10.67 2.54 34.25
C VAL A 115 -9.45 2.66 35.14
N THR A 116 -8.95 1.55 35.64
CA THR A 116 -7.77 1.52 36.47
C THR A 116 -6.57 1.31 35.54
N ALA A 117 -5.57 2.17 35.64
CA ALA A 117 -4.40 2.08 34.79
C ALA A 117 -3.07 2.38 35.49
N VAL A 118 -2.00 1.93 34.88
CA VAL A 118 -0.65 2.18 35.37
C VAL A 118 -0.01 2.89 34.19
N GLU A 119 1.04 3.65 34.48
CA GLU A 119 1.74 4.37 33.43
C GLU A 119 2.94 3.56 33.07
N VAL A 120 3.29 3.58 31.79
CA VAL A 120 4.45 2.84 31.34
C VAL A 120 5.50 3.78 30.77
N ASP A 121 6.73 3.28 30.70
CA ASP A 121 7.87 4.02 30.19
C ASP A 121 7.69 4.30 28.67
N PRO A 122 7.80 5.58 28.25
CA PRO A 122 7.64 5.87 26.82
C PRO A 122 8.70 5.18 25.97
N ALA A 123 9.84 4.89 26.58
CA ALA A 123 10.95 4.21 25.90
C ALA A 123 10.70 2.71 25.91
N ASP A 124 10.49 2.18 27.11
CA ASP A 124 10.21 0.76 27.31
C ASP A 124 8.73 0.63 27.63
N ARG A 125 7.87 0.67 26.62
CA ARG A 125 6.42 0.54 26.83
C ARG A 125 6.06 -0.84 27.40
N ASN A 126 6.49 -1.09 28.63
CA ASN A 126 6.27 -2.33 29.34
C ASN A 126 6.62 -1.98 30.76
N ARG A 127 7.73 -1.29 30.92
CA ARG A 127 8.20 -0.89 32.23
C ARG A 127 7.20 0.06 32.85
N VAL A 128 6.57 -0.40 33.93
CA VAL A 128 5.57 0.37 34.65
C VAL A 128 6.25 1.37 35.58
N ILE A 129 5.90 2.64 35.39
CA ILE A 129 6.46 3.72 36.19
C ILE A 129 5.41 4.40 37.05
N SER A 130 4.33 3.70 37.38
CA SER A 130 3.28 4.26 38.24
C SER A 130 2.43 3.16 38.84
N GLY A 131 1.80 3.47 39.97
CA GLY A 131 0.92 2.50 40.59
C GLY A 131 -0.46 2.75 40.00
N GLU A 132 -1.33 1.77 40.12
CA GLU A 132 -2.70 1.84 39.61
C GLU A 132 -3.48 3.05 40.10
N HIS A 133 -4.28 3.64 39.22
CA HIS A 133 -5.12 4.78 39.57
C HIS A 133 -6.23 4.92 38.56
N LEU A 134 -7.36 5.46 39.01
CA LEU A 134 -8.52 5.68 38.17
C LEU A 134 -8.31 6.82 37.18
N ILE A 135 -8.70 6.60 35.93
CA ILE A 135 -8.60 7.59 34.87
C ILE A 135 -9.88 7.47 34.10
N LYS A 136 -10.12 8.42 33.22
CA LYS A 136 -11.29 8.38 32.37
C LYS A 136 -10.76 8.20 30.95
N ALA A 137 -11.12 7.07 30.32
CA ALA A 137 -10.66 6.75 28.98
C ALA A 137 -11.80 6.63 28.01
N TRP A 138 -11.60 7.07 26.77
CA TRP A 138 -12.60 6.99 25.71
C TRP A 138 -12.61 5.56 25.20
N THR A 139 -13.29 4.69 25.94
CA THR A 139 -13.34 3.28 25.59
C THR A 139 -14.72 2.69 25.28
N HIS A 140 -15.77 3.48 25.46
CA HIS A 140 -17.12 3.00 25.22
C HIS A 140 -17.61 3.26 23.80
N PHE A 141 -17.91 2.18 23.06
CA PHE A 141 -18.44 2.27 21.70
C PHE A 141 -19.79 1.55 21.62
N HIS A 142 -20.88 2.28 21.42
CA HIS A 142 -22.19 1.65 21.30
C HIS A 142 -22.89 1.93 19.96
N PHE A 143 -22.32 2.83 19.18
CA PHE A 143 -22.82 3.15 17.84
C PHE A 143 -24.29 3.53 17.85
N PRO A 144 -24.61 4.70 18.40
CA PRO A 144 -25.99 5.16 18.47
C PRO A 144 -26.69 5.26 17.12
N GLY A 145 -25.98 5.56 16.05
CA GLY A 145 -26.64 5.67 14.76
C GLY A 145 -27.03 4.36 14.13
N ARG A 146 -26.24 3.33 14.40
CA ARG A 146 -26.46 2.00 13.83
C ARG A 146 -27.26 1.07 14.71
N GLY A 147 -26.96 1.12 16.00
CA GLY A 147 -27.62 0.25 16.94
C GLY A 147 -26.99 -1.12 16.87
N SER A 148 -27.81 -2.12 16.53
CA SER A 148 -27.35 -3.48 16.42
C SER A 148 -27.50 -4.04 15.02
N THR A 149 -27.67 -3.15 14.04
CA THR A 149 -27.78 -3.55 12.66
C THR A 149 -26.43 -4.16 12.31
N TYR A 150 -26.44 -5.37 11.78
CA TYR A 150 -25.25 -6.11 11.37
C TYR A 150 -24.45 -6.72 12.51
N SER A 151 -24.48 -6.07 13.67
CA SER A 151 -23.72 -6.55 14.83
C SER A 151 -24.12 -5.85 16.10
N ASP A 152 -24.30 -6.64 17.16
CA ASP A 152 -24.67 -6.11 18.46
C ASP A 152 -23.50 -5.99 19.45
N PHE A 153 -22.28 -6.19 18.96
CA PHE A 153 -21.07 -6.12 19.80
C PHE A 153 -20.81 -4.66 20.19
N LYS A 154 -20.61 -4.42 21.48
CA LYS A 154 -20.35 -3.09 22.01
C LYS A 154 -18.97 -3.13 22.67
N TRP A 155 -18.21 -2.06 22.53
CA TRP A 155 -16.87 -2.00 23.09
C TRP A 155 -16.75 -1.36 24.45
N HIS A 156 -15.86 -1.92 25.27
CA HIS A 156 -15.59 -1.46 26.62
C HIS A 156 -14.10 -1.55 26.90
N TRP A 157 -13.63 -0.78 27.87
CA TRP A 157 -12.23 -0.71 28.24
C TRP A 157 -11.48 -2.04 28.29
N TYR A 158 -12.17 -3.11 28.68
CA TYR A 158 -11.53 -4.43 28.78
C TYR A 158 -11.19 -5.09 27.44
N HIS A 159 -11.78 -4.60 26.35
CA HIS A 159 -11.48 -5.14 25.02
C HIS A 159 -10.19 -4.48 24.54
N PHE A 160 -9.63 -3.58 25.36
CA PHE A 160 -8.43 -2.85 25.01
C PHE A 160 -7.27 -3.01 26.00
N ASP A 161 -6.09 -2.61 25.55
CA ASP A 161 -4.86 -2.63 26.33
C ASP A 161 -4.56 -1.31 27.00
N GLY A 162 -4.92 -0.21 26.36
CA GLY A 162 -4.66 1.07 26.96
C GLY A 162 -4.97 2.19 26.00
N THR A 163 -4.56 3.39 26.40
CA THR A 163 -4.78 4.60 25.64
C THR A 163 -3.69 5.59 26.08
N ASP A 164 -3.56 6.72 25.38
CA ASP A 164 -2.54 7.72 25.70
C ASP A 164 -3.13 9.05 26.18
N TRP A 165 -4.35 9.01 26.69
CA TRP A 165 -5.02 10.19 27.17
C TRP A 165 -6.01 9.90 28.30
N ASP A 166 -5.77 10.53 29.44
CA ASP A 166 -6.65 10.43 30.58
C ASP A 166 -7.51 11.67 30.45
N GLU A 167 -8.80 11.47 30.16
CA GLU A 167 -9.75 12.58 30.00
C GLU A 167 -10.03 13.39 31.28
N SER A 168 -9.95 12.74 32.44
CA SER A 168 -10.22 13.42 33.69
C SER A 168 -9.20 14.53 33.91
N ARG A 169 -7.95 14.15 34.03
CA ARG A 169 -6.86 15.10 34.23
C ARG A 169 -6.41 15.75 32.92
N LYS A 170 -6.97 15.32 31.80
CA LYS A 170 -6.59 15.82 30.49
C LYS A 170 -5.09 15.70 30.27
N LEU A 171 -4.56 14.55 30.66
CA LEU A 171 -3.13 14.24 30.57
C LEU A 171 -2.78 13.23 29.51
N ASN A 172 -1.67 13.49 28.82
CA ASN A 172 -1.15 12.58 27.80
C ASN A 172 -0.04 11.77 28.48
N ARG A 173 -0.31 10.49 28.74
CA ARG A 173 0.64 9.56 29.35
C ARG A 173 0.31 8.24 28.69
N ILE A 174 1.20 7.26 28.79
CA ILE A 174 0.95 5.94 28.20
C ILE A 174 0.29 5.06 29.27
N TYR A 175 -0.98 4.73 29.09
CA TYR A 175 -1.71 3.92 30.06
C TYR A 175 -1.98 2.49 29.65
N LYS A 176 -1.90 1.60 30.62
CA LYS A 176 -2.21 0.17 30.41
C LYS A 176 -3.29 -0.16 31.41
N PHE A 177 -4.45 -0.54 30.90
CA PHE A 177 -5.60 -0.87 31.72
C PHE A 177 -5.38 -2.13 32.58
N GLN A 178 -5.67 -2.03 33.89
CA GLN A 178 -5.52 -3.14 34.83
C GLN A 178 -6.89 -3.75 35.06
N GLY A 179 -6.97 -4.68 36.01
CA GLY A 179 -8.24 -5.31 36.30
C GLY A 179 -8.62 -6.28 35.20
N LYS A 180 -7.61 -6.66 34.42
CA LYS A 180 -7.73 -7.58 33.31
C LYS A 180 -8.33 -6.84 32.11
N ALA A 181 -7.51 -6.11 31.38
CA ALA A 181 -8.01 -5.36 30.22
C ALA A 181 -7.70 -6.02 28.89
N TYR B 4 -3.86 16.19 17.49
CA TYR B 4 -3.54 15.29 18.60
C TYR B 4 -4.72 14.39 19.04
N ASP B 5 -5.74 14.29 18.18
CA ASP B 5 -6.91 13.47 18.48
C ASP B 5 -6.55 11.99 18.57
N TYR B 6 -5.53 11.57 17.85
CA TYR B 6 -5.12 10.19 17.87
C TYR B 6 -4.75 9.73 19.28
N LEU B 7 -4.33 10.66 20.13
CA LEU B 7 -3.96 10.33 21.50
C LEU B 7 -5.11 9.71 22.29
N MET B 8 -6.34 9.89 21.82
CA MET B 8 -7.48 9.36 22.52
C MET B 8 -8.00 8.02 22.01
N TYR B 9 -7.35 7.45 21.00
CA TYR B 9 -7.72 6.14 20.45
C TYR B 9 -7.36 5.05 21.47
N ALA B 10 -7.93 3.86 21.31
CA ALA B 10 -7.66 2.74 22.22
C ALA B 10 -7.09 1.55 21.46
N ASP B 11 -6.05 0.91 22.00
CA ASP B 11 -5.48 -0.25 21.32
C ASP B 11 -6.20 -1.55 21.63
N ILE B 12 -6.72 -2.16 20.58
CA ILE B 12 -7.46 -3.41 20.65
C ILE B 12 -6.62 -4.54 21.24
N ASP B 13 -7.22 -5.31 22.15
CA ASP B 13 -6.54 -6.42 22.80
C ASP B 13 -6.93 -7.74 22.14
N TYR B 14 -5.99 -8.37 21.45
CA TYR B 14 -6.26 -9.65 20.77
C TYR B 14 -6.08 -10.91 21.62
N ASP B 15 -5.75 -10.72 22.90
CA ASP B 15 -5.64 -11.82 23.86
C ASP B 15 -7.04 -12.08 24.39
N HIS B 16 -7.95 -11.13 24.15
CA HIS B 16 -9.31 -11.25 24.59
C HIS B 16 -10.10 -12.07 23.58
N PRO B 17 -10.51 -13.28 23.96
CA PRO B 17 -11.28 -14.19 23.08
C PRO B 17 -12.41 -13.58 22.26
N ASP B 18 -13.16 -12.65 22.87
CA ASP B 18 -14.30 -12.00 22.21
C ASP B 18 -13.88 -11.02 21.15
N VAL B 19 -12.75 -10.37 21.38
CA VAL B 19 -12.22 -9.39 20.45
C VAL B 19 -11.69 -10.11 19.20
N ALA B 20 -10.97 -11.20 19.41
CA ALA B 20 -10.42 -12.00 18.33
C ALA B 20 -11.55 -12.63 17.51
N ALA B 21 -12.56 -13.15 18.21
CA ALA B 21 -13.69 -13.75 17.54
C ALA B 21 -14.49 -12.69 16.78
N GLU B 22 -14.63 -11.50 17.38
CA GLU B 22 -15.35 -10.41 16.73
C GLU B 22 -14.64 -9.88 15.47
N ILE B 23 -13.34 -9.59 15.55
CA ILE B 23 -12.64 -9.10 14.38
C ILE B 23 -12.65 -10.15 13.25
N LYS B 24 -12.51 -11.42 13.62
CA LYS B 24 -12.57 -12.49 12.63
C LYS B 24 -13.93 -12.50 11.93
N ARG B 25 -15.01 -12.38 12.70
CA ARG B 25 -16.36 -12.35 12.17
C ARG B 25 -16.61 -11.09 11.30
N TRP B 26 -16.23 -9.92 11.79
CA TRP B 26 -16.40 -8.69 11.02
C TRP B 26 -15.67 -8.90 9.69
N GLY B 27 -14.45 -9.42 9.77
CA GLY B 27 -13.65 -9.67 8.58
C GLY B 27 -14.41 -10.36 7.46
N THR B 28 -15.19 -11.37 7.81
CA THR B 28 -16.00 -12.11 6.84
C THR B 28 -17.20 -11.26 6.38
N TRP B 29 -17.77 -10.49 7.29
CA TRP B 29 -18.88 -9.62 6.96
C TRP B 29 -18.42 -8.57 5.95
N TYR B 30 -17.27 -7.96 6.21
CA TYR B 30 -16.70 -6.92 5.35
C TYR B 30 -16.52 -7.47 3.94
N ALA B 31 -15.89 -8.65 3.86
CA ALA B 31 -15.63 -9.34 2.60
C ALA B 31 -16.90 -9.65 1.80
N ASN B 32 -17.93 -10.11 2.51
CA ASN B 32 -19.18 -10.45 1.87
C ASN B 32 -20.04 -9.26 1.50
N GLU B 33 -20.10 -8.25 2.36
CA GLU B 33 -20.90 -7.07 2.08
C GLU B 33 -20.40 -6.30 0.86
N LEU B 34 -19.09 -6.20 0.73
CA LEU B 34 -18.53 -5.46 -0.40
C LEU B 34 -18.06 -6.31 -1.57
N GLN B 35 -18.06 -7.63 -1.39
CA GLN B 35 -17.58 -8.56 -2.43
C GLN B 35 -16.12 -8.28 -2.72
N LEU B 36 -15.35 -8.09 -1.64
CA LEU B 36 -13.94 -7.80 -1.78
C LEU B 36 -13.16 -9.03 -2.25
N ASP B 37 -12.06 -8.78 -2.95
CA ASP B 37 -11.22 -9.82 -3.50
C ASP B 37 -9.94 -10.02 -2.71
N GLY B 38 -9.69 -9.17 -1.72
CA GLY B 38 -8.47 -9.26 -0.92
C GLY B 38 -8.35 -8.11 0.07
N PHE B 39 -7.26 -8.06 0.83
CA PHE B 39 -7.11 -7.02 1.84
C PHE B 39 -5.76 -6.37 1.91
N ARG B 40 -5.76 -5.19 2.52
CA ARG B 40 -4.55 -4.44 2.76
C ARG B 40 -4.60 -4.30 4.27
N LEU B 41 -3.61 -4.87 4.95
CA LEU B 41 -3.54 -4.83 6.40
C LEU B 41 -2.75 -3.63 6.91
N ASP B 42 -3.41 -2.80 7.71
CA ASP B 42 -2.83 -1.60 8.26
C ASP B 42 -2.13 -1.80 9.63
N ALA B 43 -0.99 -1.15 9.79
CA ALA B 43 -0.21 -1.16 11.03
C ALA B 43 0.04 -2.50 11.71
N VAL B 44 0.33 -3.52 10.92
CA VAL B 44 0.57 -4.88 11.43
C VAL B 44 1.72 -5.02 12.46
N LYS B 45 2.55 -3.99 12.55
CA LYS B 45 3.69 -4.00 13.44
C LYS B 45 3.29 -4.00 14.91
N HIS B 46 2.12 -3.44 15.19
CA HIS B 46 1.63 -3.33 16.56
C HIS B 46 0.56 -4.34 16.90
N ILE B 47 0.34 -5.30 16.01
CA ILE B 47 -0.68 -6.29 16.22
C ILE B 47 -0.03 -7.64 16.36
N LYS B 48 -0.63 -8.47 17.19
CA LYS B 48 -0.19 -9.84 17.48
C LYS B 48 -0.06 -10.59 16.16
N PHE B 49 1.16 -11.04 15.84
CA PHE B 49 1.41 -11.76 14.58
C PHE B 49 0.56 -12.99 14.34
N SER B 50 0.40 -13.82 15.35
CA SER B 50 -0.38 -15.05 15.24
C SER B 50 -1.83 -14.73 14.91
N PHE B 51 -2.38 -13.68 15.51
CA PHE B 51 -3.76 -13.31 15.21
C PHE B 51 -3.97 -12.99 13.74
N LEU B 52 -3.09 -12.15 13.20
CA LEU B 52 -3.15 -11.74 11.80
C LEU B 52 -3.09 -12.96 10.90
N ARG B 53 -2.21 -13.91 11.27
CA ARG B 53 -2.04 -15.16 10.52
C ARG B 53 -3.32 -15.97 10.55
N ASP B 54 -3.98 -16.00 11.70
CA ASP B 54 -5.24 -16.72 11.88
C ASP B 54 -6.41 -16.03 11.21
N TRP B 55 -6.45 -14.71 11.32
CA TRP B 55 -7.52 -13.92 10.72
C TRP B 55 -7.54 -14.09 9.19
N VAL B 56 -6.37 -14.03 8.55
CA VAL B 56 -6.25 -14.22 7.11
C VAL B 56 -6.71 -15.64 6.70
N ASN B 57 -6.35 -16.63 7.51
CA ASN B 57 -6.72 -18.04 7.27
C ASN B 57 -8.23 -18.20 7.41
N HIS B 58 -8.75 -17.64 8.50
CA HIS B 58 -10.17 -17.66 8.81
C HIS B 58 -11.01 -17.12 7.67
N VAL B 59 -10.75 -15.88 7.29
CA VAL B 59 -11.51 -15.24 6.22
C VAL B 59 -11.51 -16.02 4.90
N ARG B 60 -10.36 -16.53 4.49
CA ARG B 60 -10.26 -17.32 3.25
C ARG B 60 -11.11 -18.58 3.38
N GLU B 61 -11.04 -19.21 4.56
CA GLU B 61 -11.79 -20.41 4.82
C GLU B 61 -13.30 -20.18 4.80
N LYS B 62 -13.77 -19.12 5.44
CA LYS B 62 -15.19 -18.83 5.47
C LYS B 62 -15.72 -18.31 4.15
N THR B 63 -14.85 -17.81 3.30
CA THR B 63 -15.31 -17.31 2.01
C THR B 63 -15.02 -18.26 0.86
N GLY B 64 -14.01 -19.12 1.03
CA GLY B 64 -13.63 -20.05 -0.03
C GLY B 64 -12.95 -19.29 -1.17
N LYS B 65 -12.48 -18.09 -0.88
CA LYS B 65 -11.83 -17.29 -1.89
C LYS B 65 -10.35 -17.17 -1.59
N GLU B 66 -9.57 -16.87 -2.62
CA GLU B 66 -8.14 -16.74 -2.50
C GLU B 66 -7.75 -15.62 -1.53
N MET B 67 -8.46 -14.50 -1.61
CA MET B 67 -8.24 -13.34 -0.76
C MET B 67 -6.79 -12.89 -0.64
N PHE B 68 -6.20 -12.43 -1.74
CA PHE B 68 -4.83 -11.95 -1.67
C PHE B 68 -4.77 -10.89 -0.60
N THR B 69 -3.70 -10.94 0.20
CA THR B 69 -3.53 -9.99 1.29
C THR B 69 -2.10 -9.45 1.36
N VAL B 70 -1.99 -8.15 1.57
CA VAL B 70 -0.70 -7.48 1.70
C VAL B 70 -0.76 -6.69 3.01
N ALA B 71 0.25 -6.86 3.85
CA ALA B 71 0.30 -6.16 5.12
C ALA B 71 1.33 -5.06 5.12
N GLU B 72 1.05 -3.96 5.82
CA GLU B 72 1.99 -2.86 5.93
C GLU B 72 2.80 -2.99 7.21
N TYR B 73 3.98 -3.60 7.09
CA TYR B 73 4.87 -3.75 8.23
C TYR B 73 5.94 -2.73 7.90
N TRP B 74 5.80 -1.53 8.46
CA TRP B 74 6.74 -0.47 8.18
C TRP B 74 8.02 -0.52 9.00
N GLN B 75 9.03 -1.16 8.43
CA GLN B 75 10.33 -1.32 9.04
C GLN B 75 11.34 -1.34 7.92
N ASN B 76 12.23 -0.36 7.86
CA ASN B 76 13.24 -0.41 6.81
C ASN B 76 14.30 -1.39 7.30
N ASP B 77 13.96 -2.67 7.26
CA ASP B 77 14.86 -3.73 7.70
C ASP B 77 14.35 -5.06 7.17
N LEU B 78 15.17 -5.71 6.34
CA LEU B 78 14.78 -7.00 5.78
C LEU B 78 14.64 -8.09 6.85
N GLY B 79 15.43 -7.99 7.91
CA GLY B 79 15.36 -8.97 8.98
C GLY B 79 14.02 -9.03 9.70
N ALA B 80 13.46 -7.86 10.00
CA ALA B 80 12.19 -7.77 10.72
C ALA B 80 11.04 -8.28 9.88
N LEU B 81 11.07 -7.91 8.59
CA LEU B 81 10.04 -8.30 7.63
C LEU B 81 10.04 -9.80 7.39
N GLU B 82 11.22 -10.37 7.28
CA GLU B 82 11.41 -11.79 7.06
C GLU B 82 10.88 -12.59 8.28
N ASN B 83 11.15 -12.12 9.49
CA ASN B 83 10.66 -12.73 10.72
C ASN B 83 9.14 -12.72 10.68
N TYR B 84 8.57 -11.56 10.40
CA TYR B 84 7.14 -11.39 10.31
C TYR B 84 6.57 -12.41 9.32
N LEU B 85 7.21 -12.55 8.16
CA LEU B 85 6.75 -13.53 7.15
C LEU B 85 6.75 -14.94 7.75
N ASN B 86 7.79 -15.24 8.52
CA ASN B 86 7.88 -16.54 9.16
C ASN B 86 6.79 -16.71 10.22
N LYS B 87 6.65 -15.74 11.10
CA LYS B 87 5.64 -15.78 12.16
C LYS B 87 4.22 -15.87 11.60
N THR B 88 4.03 -15.38 10.39
CA THR B 88 2.70 -15.42 9.77
C THR B 88 2.55 -16.57 8.77
N ASN B 89 3.54 -17.46 8.73
CA ASN B 89 3.49 -18.63 7.84
C ASN B 89 3.47 -18.33 6.35
N PHE B 90 4.01 -17.16 5.97
CA PHE B 90 4.08 -16.70 4.58
C PHE B 90 2.69 -16.71 3.96
N ASN B 91 1.65 -16.51 4.76
CA ASN B 91 0.30 -16.57 4.21
C ASN B 91 -0.18 -15.29 3.58
N HIS B 92 0.70 -14.29 3.52
CA HIS B 92 0.36 -13.02 2.90
C HIS B 92 1.63 -12.19 2.62
N SER B 93 1.52 -11.26 1.69
CA SER B 93 2.66 -10.44 1.33
C SER B 93 2.83 -9.21 2.19
N VAL B 94 3.97 -8.54 2.05
CA VAL B 94 4.30 -7.30 2.76
C VAL B 94 4.79 -6.25 1.73
N PHE B 95 4.64 -4.98 2.07
CA PHE B 95 5.08 -3.92 1.20
C PHE B 95 6.59 -3.85 1.32
N ASP B 96 7.26 -3.72 0.18
CA ASP B 96 8.72 -3.65 0.16
C ASP B 96 9.22 -2.29 0.61
N VAL B 97 9.20 -2.09 1.93
CA VAL B 97 9.66 -0.86 2.57
C VAL B 97 11.14 -0.52 2.25
N PRO B 98 12.03 -1.53 2.30
CA PRO B 98 13.44 -1.24 2.00
C PRO B 98 13.61 -0.67 0.59
N LEU B 99 12.96 -1.29 -0.40
CA LEU B 99 13.07 -0.80 -1.78
C LEU B 99 12.64 0.66 -1.92
N HIS B 100 11.53 1.03 -1.27
CA HIS B 100 11.07 2.42 -1.31
C HIS B 100 12.16 3.33 -0.79
N TYR B 101 12.79 2.93 0.32
CA TYR B 101 13.86 3.73 0.94
C TYR B 101 15.11 3.89 0.09
N GLN B 102 15.41 2.90 -0.73
CA GLN B 102 16.55 3.04 -1.62
C GLN B 102 16.17 4.02 -2.71
N PHE B 103 14.98 3.87 -3.30
CA PHE B 103 14.49 4.80 -4.33
C PHE B 103 14.61 6.23 -3.80
N HIS B 104 14.18 6.44 -2.56
CA HIS B 104 14.27 7.75 -1.95
C HIS B 104 15.72 8.23 -1.88
N ALA B 105 16.61 7.35 -1.39
CA ALA B 105 18.05 7.65 -1.26
C ALA B 105 18.70 7.99 -2.61
N ALA B 106 18.40 7.18 -3.62
CA ALA B 106 18.94 7.41 -4.94
C ALA B 106 18.48 8.76 -5.48
N SER B 107 17.21 9.09 -5.29
CA SER B 107 16.68 10.35 -5.80
C SER B 107 17.24 11.60 -5.13
N THR B 108 17.62 11.49 -3.87
CA THR B 108 18.17 12.63 -3.14
C THR B 108 19.70 12.78 -3.18
N GLN B 109 20.41 11.88 -3.83
CA GLN B 109 21.87 11.95 -3.89
C GLN B 109 22.43 12.39 -5.24
N GLY B 110 21.55 12.90 -6.10
CA GLY B 110 21.93 13.40 -7.41
C GLY B 110 23.04 12.73 -8.20
N GLY B 111 22.96 11.41 -8.37
CA GLY B 111 23.96 10.67 -9.10
C GLY B 111 25.00 10.01 -8.21
N GLY B 112 25.06 10.44 -6.97
CA GLY B 112 26.04 9.87 -6.06
C GLY B 112 25.73 8.49 -5.57
N TYR B 113 24.47 8.07 -5.72
CA TYR B 113 24.04 6.75 -5.26
C TYR B 113 24.59 5.62 -6.10
N ASP B 114 24.90 4.49 -5.47
CA ASP B 114 25.37 3.35 -6.22
C ASP B 114 24.13 2.59 -6.64
N MET B 115 23.76 2.69 -7.92
CA MET B 115 22.58 2.04 -8.46
C MET B 115 22.62 0.52 -8.30
N ARG B 116 23.82 -0.04 -8.21
CA ARG B 116 23.97 -1.47 -8.06
C ARG B 116 23.36 -1.98 -6.77
N LYS B 117 23.24 -1.08 -5.79
CA LYS B 117 22.67 -1.43 -4.48
C LYS B 117 21.20 -1.78 -4.53
N LEU B 118 20.48 -1.31 -5.55
CA LEU B 118 19.05 -1.57 -5.67
C LEU B 118 18.71 -3.05 -5.64
N LEU B 119 19.64 -3.87 -6.14
CA LEU B 119 19.45 -5.32 -6.19
C LEU B 119 19.50 -6.10 -4.87
N ASN B 120 19.98 -5.46 -3.80
CA ASN B 120 20.08 -6.17 -2.54
C ASN B 120 19.32 -5.50 -1.43
N SER B 121 19.07 -6.25 -0.36
CA SER B 121 18.46 -5.82 0.91
C SER B 121 16.98 -5.49 0.70
N THR B 122 16.27 -6.06 -0.23
CA THR B 122 14.87 -5.76 -0.42
C THR B 122 14.06 -7.04 -0.27
N VAL B 123 12.77 -6.91 0.02
CA VAL B 123 11.92 -8.09 0.16
C VAL B 123 11.89 -8.81 -1.18
N VAL B 124 11.73 -8.04 -2.26
CA VAL B 124 11.66 -8.60 -3.60
C VAL B 124 12.92 -9.34 -3.97
N SER B 125 14.06 -8.98 -3.40
CA SER B 125 15.32 -9.68 -3.70
C SER B 125 15.33 -11.09 -3.08
N LYS B 126 14.83 -11.19 -1.85
CA LYS B 126 14.74 -12.43 -1.07
C LYS B 126 13.46 -13.22 -1.32
N HIS B 127 12.34 -12.53 -1.20
CA HIS B 127 11.04 -13.14 -1.36
C HIS B 127 10.22 -12.45 -2.45
N PRO B 128 10.61 -12.63 -3.71
CA PRO B 128 9.88 -12.00 -4.81
C PRO B 128 8.36 -12.25 -4.81
N LEU B 129 7.94 -13.45 -4.41
CA LEU B 129 6.50 -13.79 -4.37
C LEU B 129 5.73 -13.31 -3.14
N LYS B 130 6.43 -12.66 -2.21
CA LYS B 130 5.82 -12.13 -0.98
C LYS B 130 6.06 -10.62 -0.85
N ALA B 131 6.37 -9.97 -1.97
CA ALA B 131 6.64 -8.54 -1.95
C ALA B 131 5.71 -7.72 -2.83
N VAL B 132 5.21 -6.63 -2.26
CA VAL B 132 4.41 -5.70 -3.04
C VAL B 132 5.33 -4.47 -3.12
N THR B 133 5.85 -4.21 -4.30
CA THR B 133 6.76 -3.11 -4.51
C THR B 133 5.98 -1.83 -4.84
N PHE B 134 6.42 -0.70 -4.30
CA PHE B 134 5.77 0.59 -4.52
C PHE B 134 6.82 1.70 -4.53
N VAL B 135 6.49 2.85 -5.10
CA VAL B 135 7.42 3.97 -5.14
C VAL B 135 7.11 4.88 -3.97
N ASP B 136 5.87 5.37 -3.90
CA ASP B 136 5.43 6.24 -2.81
C ASP B 136 4.00 5.87 -2.49
N ASN B 137 3.55 6.26 -1.29
CA ASN B 137 2.19 6.02 -0.84
C ASN B 137 1.71 7.21 0.00
N HIS B 138 0.56 7.10 0.66
CA HIS B 138 0.00 8.19 1.45
C HIS B 138 0.71 8.58 2.75
N ASP B 139 1.69 7.80 3.18
CA ASP B 139 2.40 8.15 4.40
C ASP B 139 3.75 8.75 4.08
N THR B 140 4.23 8.54 2.86
CA THR B 140 5.53 9.05 2.42
C THR B 140 5.47 10.35 1.63
N GLN B 141 4.29 10.67 1.11
CA GLN B 141 4.05 11.89 0.35
C GLN B 141 4.36 13.14 1.20
N PRO B 142 4.61 14.32 0.55
CA PRO B 142 4.93 15.55 1.27
C PRO B 142 4.01 15.91 2.42
N GLY B 143 4.60 16.10 3.60
CA GLY B 143 3.83 16.48 4.78
C GLY B 143 3.24 15.36 5.59
N GLN B 144 3.48 14.11 5.19
CA GLN B 144 2.92 13.00 5.94
C GLN B 144 3.86 12.40 6.96
N SER B 145 3.27 11.69 7.92
CA SER B 145 3.98 11.07 9.04
C SER B 145 5.27 10.33 8.74
N LEU B 146 5.36 9.66 7.59
CA LEU B 146 6.56 8.91 7.22
C LEU B 146 7.19 9.53 5.96
N GLU B 147 6.97 10.83 5.78
CA GLU B 147 7.49 11.56 4.61
C GLU B 147 8.89 11.14 4.14
N SER B 148 8.97 10.71 2.88
CA SER B 148 10.23 10.29 2.29
C SER B 148 10.01 10.10 0.79
N THR B 149 9.39 11.11 0.19
CA THR B 149 9.04 11.15 -1.23
C THR B 149 10.24 10.89 -2.15
N VAL B 150 9.98 10.11 -3.20
CA VAL B 150 11.00 9.80 -4.19
C VAL B 150 10.94 11.01 -5.13
N GLN B 151 12.08 11.67 -5.31
CA GLN B 151 12.10 12.84 -6.15
C GLN B 151 11.57 12.60 -7.54
N THR B 152 10.74 13.52 -8.00
CA THR B 152 10.07 13.48 -9.28
C THR B 152 10.90 13.07 -10.50
N TRP B 153 12.13 13.58 -10.59
CA TRP B 153 12.99 13.26 -11.72
C TRP B 153 13.33 11.80 -11.72
N PHE B 154 13.46 11.25 -10.52
CA PHE B 154 13.81 9.85 -10.35
C PHE B 154 12.57 8.95 -10.41
N LYS B 155 11.41 9.54 -10.16
CA LYS B 155 10.17 8.78 -10.14
C LYS B 155 9.93 7.81 -11.30
N PRO B 156 10.03 8.27 -12.55
CA PRO B 156 9.80 7.34 -13.65
C PRO B 156 10.80 6.16 -13.69
N LEU B 157 12.01 6.36 -13.17
CA LEU B 157 13.05 5.33 -13.13
C LEU B 157 12.67 4.27 -12.09
N ALA B 158 12.09 4.74 -10.99
CA ALA B 158 11.64 3.86 -9.92
C ALA B 158 10.48 2.99 -10.43
N TYR B 159 9.60 3.59 -11.23
CA TYR B 159 8.45 2.88 -11.80
C TYR B 159 8.84 1.85 -12.85
N ALA B 160 9.82 2.18 -13.67
CA ALA B 160 10.30 1.26 -14.69
C ALA B 160 10.86 0.04 -13.96
N PHE B 161 11.54 0.31 -12.85
CA PHE B 161 12.12 -0.76 -12.02
C PHE B 161 11.07 -1.75 -11.49
N ILE B 162 10.06 -1.26 -10.80
CA ILE B 162 9.04 -2.16 -10.25
C ILE B 162 8.04 -2.74 -11.24
N LEU B 163 7.80 -2.05 -12.35
CA LEU B 163 6.83 -2.50 -13.35
C LEU B 163 7.32 -3.39 -14.49
N THR B 164 8.61 -3.31 -14.82
CA THR B 164 9.11 -4.13 -15.94
C THR B 164 10.04 -5.28 -15.57
N ARG B 165 10.35 -5.42 -14.29
CA ARG B 165 11.20 -6.52 -13.84
C ARG B 165 10.29 -7.68 -13.50
N GLU B 166 10.80 -8.90 -13.59
CA GLU B 166 10.01 -10.08 -13.31
C GLU B 166 9.54 -10.27 -11.86
N SER B 167 10.35 -9.86 -10.90
CA SER B 167 10.00 -10.02 -9.49
C SER B 167 9.08 -8.94 -8.89
N GLY B 168 8.25 -9.40 -7.96
CA GLY B 168 7.34 -8.52 -7.24
C GLY B 168 6.03 -8.15 -7.87
N TYR B 169 5.06 -7.84 -7.01
CA TYR B 169 3.71 -7.43 -7.38
C TYR B 169 3.74 -5.91 -7.22
N PRO B 170 3.99 -5.18 -8.32
CA PRO B 170 4.05 -3.72 -8.34
C PRO B 170 2.77 -2.95 -8.06
N GLN B 171 2.93 -1.83 -7.36
CA GLN B 171 1.81 -0.99 -7.02
C GLN B 171 2.04 0.44 -7.50
N VAL B 172 1.08 0.96 -8.26
CA VAL B 172 1.14 2.33 -8.77
C VAL B 172 0.38 3.20 -7.76
N PHE B 173 0.88 4.42 -7.52
CA PHE B 173 0.25 5.33 -6.57
C PHE B 173 -0.64 6.39 -7.23
N TYR B 174 -1.84 6.55 -6.68
CA TYR B 174 -2.81 7.54 -7.14
C TYR B 174 -2.19 8.95 -7.17
N GLY B 175 -1.54 9.33 -6.06
CA GLY B 175 -0.92 10.64 -5.96
C GLY B 175 0.13 10.92 -7.02
N ASP B 176 0.87 9.89 -7.44
CA ASP B 176 1.87 10.03 -8.50
C ASP B 176 1.16 10.20 -9.86
N MET B 177 0.09 9.45 -10.10
CA MET B 177 -0.67 9.53 -11.36
C MET B 177 -1.36 10.88 -11.52
N TYR B 178 -2.14 11.26 -10.51
CA TYR B 178 -2.89 12.51 -10.56
C TYR B 178 -2.34 13.66 -9.74
N GLY B 179 -1.18 13.46 -9.14
CA GLY B 179 -0.60 14.51 -8.33
C GLY B 179 -1.26 14.56 -6.96
N THR B 180 -0.57 15.17 -6.00
CA THR B 180 -1.11 15.28 -4.65
C THR B 180 -1.68 16.68 -4.42
N LYS B 181 -2.77 16.76 -3.66
CA LYS B 181 -3.43 18.02 -3.39
C LYS B 181 -3.15 18.67 -2.06
N GLY B 182 -1.95 18.47 -1.52
CA GLY B 182 -1.61 19.08 -0.26
C GLY B 182 -1.22 20.53 -0.50
N ASP B 183 -0.77 21.23 0.52
CA ASP B 183 -0.40 22.61 0.29
C ASP B 183 1.02 22.98 0.66
N SER B 184 1.97 22.26 0.09
CA SER B 184 3.37 22.56 0.32
C SER B 184 3.84 22.94 -1.06
N GLN B 185 5.10 23.32 -1.18
CA GLN B 185 5.63 23.67 -2.49
C GLN B 185 6.36 22.46 -3.02
N ARG B 186 6.14 21.32 -2.36
CA ARG B 186 6.79 20.07 -2.74
C ARG B 186 5.80 19.00 -3.18
N GLU B 187 4.57 19.39 -3.52
CA GLU B 187 3.55 18.43 -3.94
C GLU B 187 3.94 17.63 -5.18
N ILE B 188 3.52 16.37 -5.23
CA ILE B 188 3.81 15.50 -6.37
C ILE B 188 2.90 15.94 -7.49
N PRO B 189 3.46 16.19 -8.68
CA PRO B 189 2.59 16.59 -9.78
C PRO B 189 2.03 15.34 -10.44
N ALA B 190 1.12 15.51 -11.38
CA ALA B 190 0.52 14.38 -12.08
C ALA B 190 1.52 13.84 -13.09
N LEU B 191 2.16 12.71 -12.79
CA LEU B 191 3.14 12.07 -13.68
C LEU B 191 2.51 11.07 -14.63
N LYS B 192 1.19 11.02 -14.60
CA LYS B 192 0.34 10.14 -15.44
C LYS B 192 0.94 9.93 -16.84
N HIS B 193 1.20 11.03 -17.55
CA HIS B 193 1.75 11.01 -18.88
C HIS B 193 3.13 10.34 -18.98
N LYS B 194 3.84 10.24 -17.86
CA LYS B 194 5.17 9.62 -17.82
C LYS B 194 5.12 8.16 -17.36
N ILE B 195 4.05 7.77 -16.67
CA ILE B 195 3.94 6.41 -16.19
C ILE B 195 3.16 5.53 -17.16
N GLU B 196 2.23 6.12 -17.91
CA GLU B 196 1.44 5.39 -18.88
C GLU B 196 2.26 4.51 -19.82
N PRO B 197 3.36 5.05 -20.38
CA PRO B 197 4.22 4.29 -21.30
C PRO B 197 4.90 3.12 -20.59
N ILE B 198 5.18 3.29 -19.30
CA ILE B 198 5.81 2.24 -18.51
C ILE B 198 4.77 1.16 -18.19
N LEU B 199 3.53 1.59 -17.98
CA LEU B 199 2.43 0.67 -17.72
C LEU B 199 2.18 -0.12 -19.01
N LYS B 200 2.27 0.54 -20.15
CA LYS B 200 2.08 -0.11 -21.42
C LYS B 200 3.13 -1.19 -21.59
N ALA B 201 4.38 -0.85 -21.31
CA ALA B 201 5.48 -1.81 -21.39
C ALA B 201 5.20 -3.03 -20.50
N ARG B 202 4.80 -2.81 -19.25
CA ARG B 202 4.49 -3.94 -18.39
C ARG B 202 3.36 -4.78 -18.98
N LYS B 203 2.31 -4.11 -19.44
CA LYS B 203 1.17 -4.77 -19.99
C LYS B 203 1.46 -5.64 -21.20
N GLN B 204 2.12 -5.09 -22.21
CA GLN B 204 2.36 -5.89 -23.39
C GLN B 204 3.78 -6.31 -23.77
N TYR B 205 4.77 -6.00 -22.95
CA TYR B 205 6.14 -6.35 -23.30
C TYR B 205 6.99 -7.04 -22.24
N ALA B 206 6.71 -6.76 -20.96
CA ALA B 206 7.48 -7.35 -19.86
C ALA B 206 7.20 -8.85 -19.65
N TYR B 207 7.69 -9.67 -20.58
CA TYR B 207 7.49 -11.11 -20.51
C TYR B 207 8.78 -11.84 -20.88
N GLY B 208 8.91 -13.07 -20.41
CA GLY B 208 10.07 -13.88 -20.70
C GLY B 208 11.18 -13.78 -19.70
N ALA B 209 12.31 -14.42 -20.03
CA ALA B 209 13.50 -14.44 -19.20
C ALA B 209 14.10 -13.06 -19.04
N GLN B 210 14.71 -12.82 -17.89
CA GLN B 210 15.29 -11.54 -17.57
C GLN B 210 16.80 -11.62 -17.46
N HIS B 211 17.45 -10.56 -17.90
CA HIS B 211 18.90 -10.46 -17.87
C HIS B 211 19.25 -9.16 -17.17
N ASP B 212 19.91 -9.25 -16.03
CA ASP B 212 20.30 -8.08 -15.25
C ASP B 212 21.67 -7.56 -15.62
N TYR B 213 21.81 -6.24 -15.66
CA TYR B 213 23.06 -5.59 -15.99
C TYR B 213 23.30 -4.48 -14.98
N PHE B 214 23.49 -4.87 -13.73
CA PHE B 214 23.75 -3.93 -12.64
C PHE B 214 25.26 -3.99 -12.39
N ASP B 215 25.99 -3.59 -13.43
CA ASP B 215 27.45 -3.61 -13.46
C ASP B 215 28.06 -2.21 -13.50
N HIS B 216 27.30 -1.21 -13.11
CA HIS B 216 27.81 0.14 -13.17
C HIS B 216 27.18 1.01 -12.08
N HIS B 217 28.02 1.86 -11.50
CA HIS B 217 27.63 2.75 -10.42
C HIS B 217 26.40 3.61 -10.75
N ASP B 218 26.19 3.93 -12.02
CA ASP B 218 25.06 4.80 -12.38
C ASP B 218 24.10 4.25 -13.40
N ILE B 219 24.66 3.76 -14.51
CA ILE B 219 23.86 3.19 -15.60
C ILE B 219 23.64 1.68 -15.40
N VAL B 220 22.41 1.30 -15.13
CA VAL B 220 22.07 -0.10 -14.93
C VAL B 220 20.84 -0.41 -15.80
N GLY B 221 20.66 -1.67 -16.17
CA GLY B 221 19.54 -2.05 -16.99
C GLY B 221 19.19 -3.52 -16.88
N TRP B 222 18.28 -3.97 -17.73
CA TRP B 222 17.83 -5.35 -17.75
C TRP B 222 16.96 -5.58 -18.96
N THR B 223 16.81 -6.84 -19.37
CA THR B 223 15.99 -7.17 -20.52
C THR B 223 15.01 -8.28 -20.20
N ARG B 224 14.04 -8.43 -21.10
CA ARG B 224 13.02 -9.46 -21.03
C ARG B 224 13.05 -9.97 -22.46
N GLU B 225 13.25 -11.28 -22.63
CA GLU B 225 13.32 -11.88 -23.95
C GLU B 225 11.98 -11.94 -24.67
N GLY B 226 10.90 -11.70 -23.94
CA GLY B 226 9.60 -11.80 -24.54
C GLY B 226 9.21 -13.26 -24.41
N ASP B 227 7.95 -13.55 -24.69
CA ASP B 227 7.46 -14.91 -24.57
C ASP B 227 6.53 -15.16 -25.74
N SER B 228 6.57 -16.40 -26.24
CA SER B 228 5.75 -16.82 -27.36
C SER B 228 4.27 -16.51 -27.22
N SER B 229 3.76 -16.62 -26.00
CA SER B 229 2.34 -16.38 -25.72
C SER B 229 1.91 -14.92 -25.93
N VAL B 230 2.84 -13.99 -25.77
CA VAL B 230 2.52 -12.59 -25.97
C VAL B 230 3.32 -12.11 -27.19
N ALA B 231 2.60 -11.70 -28.23
CA ALA B 231 3.23 -11.23 -29.46
C ALA B 231 4.06 -9.96 -29.29
N ASN B 232 5.23 -9.94 -29.93
CA ASN B 232 6.16 -8.81 -29.91
C ASN B 232 6.65 -8.41 -28.54
N SER B 233 6.46 -9.28 -27.55
CA SER B 233 6.90 -8.99 -26.20
C SER B 233 8.43 -8.96 -26.17
N GLY B 234 8.99 -8.38 -25.12
CA GLY B 234 10.43 -8.27 -25.02
C GLY B 234 10.79 -6.82 -24.81
N LEU B 235 11.83 -6.55 -24.05
CA LEU B 235 12.22 -5.17 -23.82
C LEU B 235 13.62 -5.05 -23.28
N ALA B 236 14.15 -3.84 -23.34
CA ALA B 236 15.47 -3.54 -22.83
C ALA B 236 15.34 -2.21 -22.09
N ALA B 237 15.39 -2.27 -20.77
CA ALA B 237 15.28 -1.10 -19.92
C ALA B 237 16.63 -0.64 -19.40
N LEU B 238 16.83 0.68 -19.40
CA LEU B 238 18.06 1.32 -18.92
C LEU B 238 17.68 2.56 -18.13
N ILE B 239 18.19 2.65 -16.90
CA ILE B 239 17.94 3.81 -16.06
C ILE B 239 19.28 4.35 -15.55
N THR B 240 19.40 5.67 -15.46
CA THR B 240 20.64 6.22 -14.94
C THR B 240 20.48 7.27 -13.86
N ASP B 241 21.28 7.02 -12.84
CA ASP B 241 21.41 7.80 -11.62
C ASP B 241 21.97 9.17 -11.98
N GLY B 242 23.07 9.16 -12.71
CA GLY B 242 23.71 10.38 -13.09
C GLY B 242 23.79 10.50 -14.59
N PRO B 243 25.01 10.52 -15.13
CA PRO B 243 25.34 10.64 -16.55
C PRO B 243 24.72 9.59 -17.45
N GLY B 244 24.33 10.01 -18.65
CA GLY B 244 23.73 9.11 -19.62
C GLY B 244 24.81 8.18 -20.13
N GLY B 245 24.49 7.40 -21.15
CA GLY B 245 25.45 6.46 -21.69
C GLY B 245 24.81 5.34 -22.48
N ALA B 246 25.53 4.24 -22.64
CA ALA B 246 25.00 3.11 -23.39
C ALA B 246 25.45 1.82 -22.75
N LYS B 247 24.74 0.73 -23.08
CA LYS B 247 25.06 -0.60 -22.56
C LYS B 247 24.64 -1.65 -23.61
N ARG B 248 25.51 -2.64 -23.84
CA ARG B 248 25.19 -3.73 -24.77
C ARG B 248 24.49 -4.74 -23.92
N MET B 249 23.30 -5.12 -24.35
CA MET B 249 22.53 -6.07 -23.57
C MET B 249 21.94 -7.16 -24.45
N TYR B 250 21.83 -8.35 -23.89
CA TYR B 250 21.31 -9.52 -24.58
C TYR B 250 19.80 -9.57 -24.40
N VAL B 251 19.05 -9.61 -25.51
CA VAL B 251 17.59 -9.65 -25.46
C VAL B 251 17.01 -10.99 -25.96
N GLY B 252 17.89 -11.95 -26.21
CA GLY B 252 17.48 -13.24 -26.70
C GLY B 252 17.65 -13.36 -28.21
N ARG B 253 18.55 -14.25 -28.63
CA ARG B 253 18.82 -14.52 -30.03
C ARG B 253 17.52 -14.67 -30.83
N GLN B 254 16.43 -14.98 -30.12
CA GLN B 254 15.11 -15.17 -30.72
C GLN B 254 14.54 -13.94 -31.45
N ASN B 255 15.01 -12.75 -31.09
CA ASN B 255 14.51 -11.54 -31.74
C ASN B 255 15.61 -10.77 -32.48
N ALA B 256 16.60 -11.52 -32.97
CA ALA B 256 17.71 -10.94 -33.71
C ALA B 256 17.18 -10.26 -34.97
N GLY B 257 17.78 -9.13 -35.34
CA GLY B 257 17.39 -8.39 -36.52
C GLY B 257 16.22 -7.43 -36.38
N GLU B 258 15.68 -7.30 -35.17
CA GLU B 258 14.55 -6.39 -34.96
C GLU B 258 15.00 -4.96 -34.65
N THR B 259 14.13 -4.00 -34.92
CA THR B 259 14.41 -2.60 -34.62
C THR B 259 13.52 -2.22 -33.47
N TRP B 260 14.15 -1.86 -32.36
CA TRP B 260 13.45 -1.49 -31.16
C TRP B 260 13.52 0.02 -30.99
N HIS B 261 12.51 0.57 -30.33
CA HIS B 261 12.41 2.01 -30.07
C HIS B 261 12.07 2.29 -28.60
N ASP B 262 12.56 3.43 -28.09
CA ASP B 262 12.31 3.83 -26.73
C ASP B 262 10.83 4.17 -26.57
N ILE B 263 10.09 3.28 -25.93
CA ILE B 263 8.66 3.48 -25.69
C ILE B 263 8.36 4.73 -24.85
N THR B 264 9.31 5.16 -24.01
CA THR B 264 9.11 6.37 -23.19
C THR B 264 9.29 7.64 -24.02
N GLY B 265 9.83 7.46 -25.22
CA GLY B 265 10.05 8.58 -26.12
C GLY B 265 11.19 9.52 -25.75
N ASN B 266 11.91 9.23 -24.67
CA ASN B 266 13.04 10.07 -24.25
C ASN B 266 14.20 9.96 -25.25
N ARG B 267 14.14 8.95 -26.11
CA ARG B 267 15.16 8.69 -27.13
C ARG B 267 14.50 8.38 -28.47
N SER B 268 14.96 9.05 -29.51
CA SER B 268 14.40 8.88 -30.85
C SER B 268 15.07 7.80 -31.67
N GLU B 269 16.34 7.58 -31.41
CA GLU B 269 17.14 6.59 -32.13
C GLU B 269 16.71 5.15 -31.95
N PRO B 270 16.58 4.42 -33.06
CA PRO B 270 16.18 3.01 -33.02
C PRO B 270 17.42 2.16 -32.73
N VAL B 271 17.20 0.96 -32.22
CA VAL B 271 18.29 0.03 -31.94
C VAL B 271 17.97 -1.25 -32.69
N VAL B 272 18.92 -1.71 -33.49
CA VAL B 272 18.71 -2.93 -34.26
C VAL B 272 19.43 -4.05 -33.52
N ILE B 273 18.70 -5.14 -33.30
CA ILE B 273 19.23 -6.30 -32.60
C ILE B 273 20.07 -7.07 -33.59
N ASN B 274 21.30 -7.41 -33.22
CA ASN B 274 22.16 -8.16 -34.14
C ASN B 274 21.74 -9.63 -34.26
N SER B 275 22.40 -10.36 -35.16
CA SER B 275 22.12 -11.78 -35.42
C SER B 275 22.15 -12.63 -34.15
N GLU B 276 23.00 -12.25 -33.20
CA GLU B 276 23.22 -12.99 -31.96
C GLU B 276 22.21 -12.55 -30.90
N GLY B 277 21.30 -11.62 -31.13
CA GLY B 277 20.35 -11.19 -30.12
C GLY B 277 20.82 -10.09 -29.17
N TRP B 278 21.90 -9.41 -29.54
CA TRP B 278 22.43 -8.34 -28.70
C TRP B 278 22.09 -6.96 -29.23
N GLY B 279 22.10 -5.98 -28.35
CA GLY B 279 21.82 -4.62 -28.75
C GLY B 279 22.62 -3.64 -27.91
N GLU B 280 22.90 -2.48 -28.48
CA GLU B 280 23.61 -1.43 -27.77
C GLU B 280 22.55 -0.35 -27.58
N PHE B 281 22.03 -0.27 -26.35
CA PHE B 281 20.99 0.68 -26.04
C PHE B 281 21.54 1.95 -25.40
N HIS B 282 20.81 3.05 -25.55
CA HIS B 282 21.23 4.32 -25.01
C HIS B 282 20.20 4.93 -24.07
N VAL B 283 20.69 5.70 -23.11
CA VAL B 283 19.84 6.39 -22.14
C VAL B 283 20.44 7.77 -21.88
N ASN B 284 19.58 8.78 -21.70
CA ASN B 284 20.05 10.13 -21.39
C ASN B 284 20.33 10.21 -19.88
N GLY B 285 21.08 11.22 -19.45
CA GLY B 285 21.40 11.39 -18.03
C GLY B 285 20.16 11.61 -17.19
N GLY B 286 20.17 11.07 -15.97
CA GLY B 286 19.02 11.20 -15.08
C GLY B 286 17.73 10.89 -15.82
N SER B 287 17.78 9.83 -16.61
CA SER B 287 16.65 9.43 -17.42
C SER B 287 16.48 7.91 -17.44
N VAL B 288 15.41 7.49 -18.11
CA VAL B 288 15.01 6.10 -18.26
C VAL B 288 14.66 5.83 -19.72
N SER B 289 15.04 4.67 -20.23
CA SER B 289 14.74 4.27 -21.60
C SER B 289 14.28 2.80 -21.66
N ILE B 290 13.13 2.57 -22.28
CA ILE B 290 12.55 1.24 -22.40
C ILE B 290 12.28 0.97 -23.89
N TYR B 291 13.16 0.16 -24.48
CA TYR B 291 13.07 -0.19 -25.87
C TYR B 291 12.26 -1.47 -26.05
N VAL B 292 11.30 -1.42 -26.95
CA VAL B 292 10.45 -2.56 -27.25
C VAL B 292 10.35 -2.62 -28.77
N GLN B 293 9.80 -3.69 -29.30
CA GLN B 293 9.63 -3.82 -30.74
C GLN B 293 8.23 -3.33 -31.11
#